data_9U47
#
_entry.id   9U47
#
_cell.length_a   1.00
_cell.length_b   1.00
_cell.length_c   1.00
_cell.angle_alpha   90.00
_cell.angle_beta   90.00
_cell.angle_gamma   90.00
#
_symmetry.space_group_name_H-M   'P 1'
#
loop_
_entity.id
_entity.type
_entity.pdbx_description
1 polymer 'U6 small nuclear RNA'
2 polymer 'U6 small nuclear RNA (adenine-(43)-N(6))-methyltransferase'
#
loop_
_entity_poly.entity_id
_entity_poly.type
_entity_poly.pdbx_seq_one_letter_code
_entity_poly.pdbx_strand_id
1 'polyribonucleotide'
;GGUCAAAUUGAAACGAUACAGAGAAGAUUAGCAUGGCCCCUGCACAAGGAUGACACUGCGACAUUGAGAGAAAACCCAUU
UU
;
B
2 'polypeptide(L)'
;MGSSHHHHHHSSGLVPRGSHMASMTDKTDIINFDSLARDYPDLRSFVKNGRIDFWNEDAIRTLGKAILDRDYSLRVEFPE
NRLCPMVPNRATYIRYIHDLLSSTSGQKDKKRIIGLDIGTGASCIYPLLGCRMYSYDFVGTEIDKFSFETAKSNILQNNM
ESQIKIVLRSKQDCLLPDTEGMEEFTFVMCNPPFYEHEEDFINFKQNPPSGVCTGVYHEMVTEGGEVGFANKILTESKKR
KGIQWYTCMFGKKSSVPAVVDKLREQNISNYGIYELALGKTKRWIICWSFQAMRPHNELIRPSSTSLSKYFPHKVLQNWT
LDPELCAQIDDILQKFLDDNKIPWSKKGSVLEISTKSITWSRKARRISKSQTSVSSLEGQMKCELNVIDNQLQCKWIEGY
DYNVYESFCSALARALRDNKK
;
A
#
# COMPACT_ATOMS: atom_id res chain seq x y z
N PRO B 85 -9.95 20.87 9.08
CA PRO B 85 -9.09 20.90 10.27
C PRO B 85 -9.62 19.97 11.37
N MET B 86 -9.56 18.65 11.14
CA MET B 86 -10.15 17.75 12.17
C MET B 86 -9.06 16.90 12.81
N VAL B 87 -8.83 17.11 14.11
CA VAL B 87 -7.86 16.27 14.84
C VAL B 87 -8.15 14.77 14.75
N PRO B 88 -9.40 14.27 14.88
CA PRO B 88 -9.61 12.85 14.58
C PRO B 88 -9.37 12.47 13.12
N ASN B 89 -9.60 13.39 12.17
CA ASN B 89 -9.34 13.08 10.77
C ASN B 89 -7.84 12.99 10.49
N ARG B 90 -7.06 13.93 11.04
CA ARG B 90 -5.60 13.88 10.88
C ARG B 90 -5.01 12.68 11.60
N ALA B 91 -5.53 12.34 12.77
CA ALA B 91 -5.09 11.14 13.47
C ALA B 91 -5.49 9.87 12.73
N THR B 92 -6.64 9.88 12.07
CA THR B 92 -7.05 8.75 11.26
C THR B 92 -6.17 8.60 10.03
N TYR B 93 -5.69 9.73 9.50
CA TYR B 93 -4.76 9.67 8.37
C TYR B 93 -3.42 9.09 8.78
N ILE B 94 -2.88 9.53 9.93
CA ILE B 94 -1.65 8.96 10.46
C ILE B 94 -1.84 7.48 10.79
N ARG B 95 -3.04 7.12 11.24
CA ARG B 95 -3.34 5.73 11.52
C ARG B 95 -3.45 4.91 10.23
N TYR B 96 -3.88 5.53 9.14
CA TYR B 96 -3.82 4.87 7.85
C TYR B 96 -2.38 4.68 7.40
N ILE B 97 -1.51 5.66 7.68
CA ILE B 97 -0.08 5.51 7.39
C ILE B 97 0.50 4.34 8.18
N HIS B 98 0.12 4.21 9.45
CA HIS B 98 0.60 3.12 10.29
C HIS B 98 0.07 1.78 9.84
N ASP B 99 -1.19 1.74 9.40
CA ASP B 99 -1.76 0.50 8.89
C ASP B 99 -1.21 0.15 7.52
N LEU B 100 -0.79 1.15 6.76
CA LEU B 100 -0.21 0.93 5.45
C LEU B 100 1.20 0.37 5.57
N LEU B 101 2.00 0.94 6.46
CA LEU B 101 3.36 0.43 6.69
C LEU B 101 3.34 -0.90 7.42
N SER B 102 2.40 -1.07 8.35
CA SER B 102 2.45 -2.22 9.25
C SER B 102 2.03 -3.50 8.55
N SER B 103 0.98 -3.43 7.72
CA SER B 103 0.57 -4.58 6.91
C SER B 103 1.52 -4.85 5.77
N THR B 104 2.45 -3.94 5.48
CA THR B 104 3.44 -4.08 4.43
C THR B 104 4.86 -4.05 4.98
N SER B 105 5.03 -4.41 6.26
CA SER B 105 6.36 -4.41 6.85
C SER B 105 7.15 -5.64 6.45
N GLY B 106 6.55 -6.83 6.58
CA GLY B 106 7.25 -8.05 6.25
C GLY B 106 7.98 -8.64 7.45
N GLN B 107 8.99 -9.45 7.15
CA GLN B 107 9.80 -10.10 8.16
C GLN B 107 11.15 -9.42 8.35
N LYS B 108 11.30 -8.20 7.83
CA LYS B 108 12.58 -7.51 7.88
C LYS B 108 12.88 -6.99 9.28
N ASP B 109 14.12 -6.58 9.49
CA ASP B 109 14.55 -6.07 10.78
C ASP B 109 13.98 -4.68 11.02
N LYS B 110 13.71 -4.38 12.30
CA LYS B 110 13.06 -3.14 12.67
C LYS B 110 14.02 -1.96 12.55
N LYS B 111 14.14 -1.41 11.35
CA LYS B 111 14.93 -0.20 11.14
C LYS B 111 14.12 1.01 11.61
N ARG B 112 14.83 2.14 11.71
CA ARG B 112 14.15 3.41 12.02
C ARG B 112 13.41 3.81 10.74
N ILE B 113 12.12 4.11 10.85
CA ILE B 113 11.30 4.39 9.69
C ILE B 113 11.31 5.89 9.45
N ILE B 114 11.49 6.28 8.18
CA ILE B 114 11.69 7.67 7.81
C ILE B 114 10.54 8.15 6.94
N GLY B 115 9.94 9.26 7.34
CA GLY B 115 8.83 9.84 6.61
C GLY B 115 9.16 11.17 5.97
N LEU B 116 8.36 11.55 4.97
CA LEU B 116 8.59 12.73 4.15
C LEU B 116 7.27 13.48 4.00
N ASP B 117 7.09 14.54 4.78
CA ASP B 117 5.92 15.37 4.60
C ASP B 117 6.11 16.29 3.41
N ILE B 118 5.01 16.55 2.71
CA ILE B 118 4.95 17.52 1.63
C ILE B 118 3.91 18.55 2.01
N GLY B 119 4.36 19.78 2.25
CA GLY B 119 3.44 20.85 2.57
C GLY B 119 2.80 20.70 3.93
N THR B 120 3.60 20.86 5.00
CA THR B 120 3.15 20.58 6.35
C THR B 120 2.20 21.65 6.89
N GLY B 121 2.04 22.77 6.20
CA GLY B 121 1.09 23.79 6.61
C GLY B 121 1.63 24.68 7.72
N ALA B 122 0.77 25.62 8.14
CA ALA B 122 1.11 26.53 9.22
C ALA B 122 0.98 25.89 10.60
N SER B 123 0.38 24.71 10.68
CA SER B 123 0.26 24.00 11.95
C SER B 123 1.38 22.98 12.16
N CYS B 124 1.80 22.32 11.08
CA CYS B 124 2.87 21.30 11.06
C CYS B 124 2.53 20.10 11.96
N ILE B 125 1.23 19.82 12.12
CA ILE B 125 0.80 18.85 13.12
C ILE B 125 0.96 17.40 12.65
N TYR B 126 1.14 17.18 11.34
CA TYR B 126 1.23 15.82 10.82
C TYR B 126 2.46 15.06 11.30
N PRO B 127 3.71 15.57 11.19
CA PRO B 127 4.84 14.78 11.71
C PRO B 127 4.88 14.72 13.23
N LEU B 128 4.33 15.75 13.90
CA LEU B 128 4.21 15.75 15.35
C LEU B 128 3.36 14.59 15.82
N LEU B 129 2.18 14.42 15.21
CA LEU B 129 1.31 13.31 15.59
C LEU B 129 1.89 11.96 15.19
N GLY B 130 2.61 11.89 14.06
CA GLY B 130 3.27 10.64 13.69
C GLY B 130 4.33 10.21 14.68
N CYS B 131 5.14 11.16 15.15
CA CYS B 131 6.16 10.84 16.15
C CYS B 131 5.55 10.54 17.52
N ARG B 132 4.47 11.24 17.90
CA ARG B 132 3.80 10.92 19.16
C ARG B 132 3.19 9.53 19.14
N MET B 133 2.73 9.08 17.97
CA MET B 133 2.12 7.77 17.91
C MET B 133 3.14 6.64 17.88
N TYR B 134 4.09 6.65 16.93
CA TYR B 134 4.94 5.46 16.86
C TYR B 134 6.42 5.78 16.67
N SER B 135 6.84 7.01 17.01
CA SER B 135 8.26 7.43 17.04
C SER B 135 8.93 7.28 15.67
N TYR B 136 8.29 7.83 14.65
CA TYR B 136 8.85 7.87 13.31
C TYR B 136 9.95 8.93 13.22
N ASP B 137 10.52 9.07 12.04
CA ASP B 137 11.62 10.02 11.80
C ASP B 137 11.27 10.85 10.55
N PHE B 138 10.71 12.03 10.77
CA PHE B 138 10.20 12.86 9.68
C PHE B 138 11.21 13.93 9.28
N VAL B 139 11.50 14.01 7.99
CA VAL B 139 12.24 15.11 7.42
C VAL B 139 11.25 15.80 6.49
N GLY B 140 10.55 16.80 6.99
CA GLY B 140 9.49 17.42 6.22
C GLY B 140 10.01 18.47 5.24
N THR B 141 9.20 18.74 4.22
CA THR B 141 9.51 19.74 3.21
C THR B 141 8.68 21.00 3.47
N GLU B 142 9.20 22.12 3.00
CA GLU B 142 8.56 23.41 3.28
C GLU B 142 8.79 24.34 2.09
N ILE B 143 7.78 25.14 1.78
CA ILE B 143 7.86 26.14 0.72
C ILE B 143 7.65 27.55 1.22
N ASP B 144 7.40 27.64 2.53
CA ASP B 144 7.13 28.96 3.14
C ASP B 144 8.24 29.35 4.13
N LYS B 145 8.48 30.66 4.29
CA LYS B 145 9.47 31.13 5.25
C LYS B 145 8.87 31.41 6.61
N PHE B 146 7.70 32.08 6.65
CA PHE B 146 7.02 32.32 7.91
C PHE B 146 6.53 31.02 8.53
N SER B 147 5.98 30.13 7.70
CA SER B 147 5.60 28.81 8.21
C SER B 147 6.81 27.94 8.53
N PHE B 148 7.97 28.23 7.94
CA PHE B 148 9.19 27.52 8.33
C PHE B 148 9.68 27.97 9.70
N GLU B 149 9.58 29.27 9.99
CA GLU B 149 9.86 29.76 11.34
C GLU B 149 8.83 29.22 12.33
N THR B 150 7.58 29.07 11.90
CA THR B 150 6.55 28.47 12.75
C THR B 150 6.84 26.99 13.01
N ALA B 151 7.30 26.26 11.98
CA ALA B 151 7.66 24.85 12.14
C ALA B 151 8.86 24.69 13.06
N LYS B 152 9.84 25.59 12.95
CA LYS B 152 10.97 25.55 13.88
C LYS B 152 10.54 25.94 15.30
N SER B 153 9.53 26.80 15.44
CA SER B 153 9.03 27.13 16.78
C SER B 153 8.30 25.93 17.39
N ASN B 154 7.54 25.18 16.57
CA ASN B 154 6.92 23.95 17.06
C ASN B 154 7.96 22.89 17.38
N ILE B 155 9.06 22.86 16.62
CA ILE B 155 10.19 21.98 16.95
C ILE B 155 10.79 22.38 18.30
N LEU B 156 10.97 23.67 18.52
CA LEU B 156 11.58 24.16 19.75
C LEU B 156 10.70 23.92 20.97
N GLN B 157 9.38 24.03 20.81
CA GLN B 157 8.47 23.72 21.92
C GLN B 157 8.00 22.27 21.91
N ASN B 158 8.58 21.43 21.07
CA ASN B 158 8.31 20.00 21.11
C ASN B 158 9.54 19.13 21.23
N ASN B 159 10.70 19.56 20.71
CA ASN B 159 12.02 19.00 21.02
C ASN B 159 12.15 17.52 20.64
N MET B 160 12.05 17.25 19.34
CA MET B 160 12.21 15.92 18.78
C MET B 160 13.10 15.99 17.54
N GLU B 161 14.26 16.62 17.69
CA GLU B 161 15.13 16.90 16.56
C GLU B 161 15.88 15.69 16.01
N SER B 162 15.86 14.54 16.69
CA SER B 162 16.33 13.30 16.09
C SER B 162 15.20 12.55 15.39
N GLN B 163 14.01 13.13 15.37
CA GLN B 163 12.82 12.61 14.70
C GLN B 163 12.28 13.59 13.68
N ILE B 164 12.16 14.86 14.05
CA ILE B 164 11.48 15.88 13.24
C ILE B 164 12.51 16.91 12.81
N LYS B 165 12.66 17.07 11.50
CA LYS B 165 13.39 18.18 10.90
C LYS B 165 12.50 18.80 9.84
N ILE B 166 12.63 20.09 9.61
CA ILE B 166 11.92 20.77 8.53
C ILE B 166 12.97 21.37 7.60
N VAL B 167 12.78 21.16 6.29
CA VAL B 167 13.75 21.53 5.27
C VAL B 167 13.04 22.40 4.24
N LEU B 168 13.59 23.58 3.99
CA LEU B 168 13.04 24.46 2.96
C LEU B 168 13.47 23.95 1.59
N ARG B 169 12.50 23.66 0.74
CA ARG B 169 12.81 23.18 -0.61
C ARG B 169 12.69 24.30 -1.63
N SER B 170 13.10 23.99 -2.86
CA SER B 170 13.07 24.93 -3.97
C SER B 170 11.88 24.64 -4.89
N LYS B 171 11.51 25.65 -5.69
CA LYS B 171 10.31 25.53 -6.51
C LYS B 171 10.57 24.82 -7.84
N GLN B 172 11.76 24.97 -8.42
CA GLN B 172 12.10 24.32 -9.68
C GLN B 172 12.77 22.97 -9.47
N ASP B 173 13.52 22.83 -8.38
CA ASP B 173 14.13 21.57 -8.02
C ASP B 173 13.06 20.57 -7.59
N CYS B 174 13.43 19.29 -7.63
CA CYS B 174 12.55 18.23 -7.17
C CYS B 174 12.18 18.44 -5.71
N LEU B 175 10.89 18.60 -5.45
CA LEU B 175 10.41 18.86 -4.10
C LEU B 175 10.61 17.66 -3.19
N LEU B 176 10.73 16.47 -3.77
CA LEU B 176 11.18 15.26 -3.11
C LEU B 176 12.69 15.35 -2.90
N PRO B 177 13.19 15.59 -1.65
CA PRO B 177 14.57 15.90 -1.45
C PRO B 177 15.50 14.72 -1.52
N ASP B 178 16.77 15.06 -1.62
CA ASP B 178 17.82 14.08 -1.84
C ASP B 178 18.00 13.19 -0.61
N THR B 179 18.80 12.14 -0.77
CA THR B 179 19.15 11.31 0.37
C THR B 179 20.26 11.95 1.20
N GLU B 180 21.22 12.59 0.52
CA GLU B 180 22.37 13.29 1.13
C GLU B 180 23.22 12.35 2.00
N GLY B 181 23.34 11.09 1.58
CA GLY B 181 24.14 10.13 2.31
C GLY B 181 23.53 9.64 3.61
N MET B 182 22.28 9.96 3.88
CA MET B 182 21.62 9.60 5.12
C MET B 182 20.96 8.24 4.93
N GLU B 183 20.11 7.85 5.86
CA GLU B 183 19.32 6.65 5.67
C GLU B 183 18.11 6.98 4.80
N GLU B 184 17.70 6.01 3.98
CA GLU B 184 16.72 6.22 2.92
C GLU B 184 15.34 6.51 3.48
N PHE B 185 14.60 7.40 2.80
CA PHE B 185 13.20 7.64 3.10
C PHE B 185 12.38 6.38 2.89
N THR B 186 11.39 6.17 3.75
CA THR B 186 10.49 5.03 3.66
C THR B 186 9.10 5.41 3.16
N PHE B 187 8.43 6.38 3.81
CA PHE B 187 7.09 6.75 3.38
C PHE B 187 6.99 8.24 3.17
N VAL B 188 6.13 8.64 2.23
CA VAL B 188 5.95 10.03 1.83
C VAL B 188 4.47 10.36 1.93
N MET B 189 4.16 11.49 2.57
CA MET B 189 2.80 11.93 2.79
C MET B 189 2.63 13.33 2.23
N CYS B 190 1.40 13.64 1.81
CA CYS B 190 1.13 14.88 1.10
C CYS B 190 -0.24 15.42 1.43
N ASN B 191 -0.29 16.68 1.86
CA ASN B 191 -1.51 17.45 2.04
C ASN B 191 -1.52 18.54 0.97
N PRO B 192 -2.10 18.28 -0.20
CA PRO B 192 -2.07 19.27 -1.29
C PRO B 192 -3.03 20.42 -1.01
N PRO B 193 -2.94 21.51 -1.77
CA PRO B 193 -3.96 22.56 -1.65
C PRO B 193 -5.33 22.08 -2.11
N PHE B 194 -6.35 22.76 -1.62
CA PHE B 194 -7.74 22.40 -1.91
C PHE B 194 -8.55 23.50 -2.58
N GLY B 224 -2.28 24.89 -11.59
CA GLY B 224 -2.65 23.58 -12.08
C GLY B 224 -3.63 22.82 -11.21
N GLY B 225 -3.91 23.29 -10.00
CA GLY B 225 -4.83 22.60 -9.12
C GLY B 225 -4.17 21.45 -8.38
N GLU B 226 -4.98 20.77 -7.56
CA GLU B 226 -4.46 19.64 -6.80
C GLU B 226 -4.21 18.44 -7.69
N VAL B 227 -4.95 18.34 -8.81
CA VAL B 227 -4.66 17.30 -9.80
C VAL B 227 -3.30 17.54 -10.44
N GLY B 228 -3.00 18.79 -10.79
CA GLY B 228 -1.68 19.10 -11.33
C GLY B 228 -0.57 18.97 -10.32
N PHE B 229 -0.88 19.18 -9.03
CA PHE B 229 0.10 18.98 -7.98
C PHE B 229 0.43 17.50 -7.82
N ALA B 230 -0.60 16.64 -7.90
CA ALA B 230 -0.38 15.20 -7.92
C ALA B 230 0.32 14.77 -9.21
N ASN B 231 0.13 15.51 -10.31
CA ASN B 231 0.86 15.22 -11.53
C ASN B 231 2.35 15.53 -11.39
N LYS B 232 2.67 16.64 -10.72
CA LYS B 232 4.08 16.98 -10.47
C LYS B 232 4.73 15.96 -9.55
N ILE B 233 4.01 15.52 -8.51
CA ILE B 233 4.54 14.49 -7.62
C ILE B 233 4.69 13.16 -8.35
N LEU B 234 3.79 12.84 -9.27
CA LEU B 234 3.95 11.66 -10.10
C LEU B 234 5.16 11.77 -11.01
N THR B 235 5.42 12.97 -11.55
CA THR B 235 6.57 13.16 -12.42
C THR B 235 7.89 13.03 -11.64
N GLU B 236 7.95 13.64 -10.45
CA GLU B 236 9.17 13.59 -9.64
C GLU B 236 9.37 12.23 -8.99
N SER B 237 8.30 11.51 -8.70
CA SER B 237 8.42 10.27 -7.96
C SER B 237 8.90 9.12 -8.83
N LYS B 238 8.97 9.29 -10.15
CA LYS B 238 9.52 8.26 -11.00
C LYS B 238 11.03 8.15 -10.82
N LYS B 239 11.70 9.20 -10.37
CA LYS B 239 13.15 9.24 -10.25
C LYS B 239 13.65 8.73 -8.91
N ARG B 240 12.78 8.54 -7.92
CA ARG B 240 13.17 8.20 -6.56
C ARG B 240 12.98 6.70 -6.33
N LYS B 241 14.10 5.98 -6.22
CA LYS B 241 14.10 4.56 -5.92
C LYS B 241 14.51 4.34 -4.48
N GLY B 242 14.00 3.25 -3.90
CA GLY B 242 14.19 2.97 -2.50
C GLY B 242 13.15 3.55 -1.58
N ILE B 243 12.50 4.63 -1.99
CA ILE B 243 11.38 5.20 -1.23
C ILE B 243 10.14 4.36 -1.50
N GLN B 244 9.51 3.86 -0.44
CA GLN B 244 8.44 2.89 -0.63
C GLN B 244 7.09 3.55 -0.84
N TRP B 245 6.59 4.29 0.14
CA TRP B 245 5.20 4.72 0.11
C TRP B 245 5.04 6.19 -0.22
N TYR B 246 4.10 6.46 -1.14
CA TYR B 246 3.65 7.81 -1.45
C TYR B 246 2.16 7.89 -1.16
N THR B 247 1.72 8.93 -0.46
CA THR B 247 0.29 9.14 -0.28
C THR B 247 -0.06 10.56 -0.69
N CYS B 248 -1.36 10.78 -0.90
CA CYS B 248 -1.90 12.10 -1.20
C CYS B 248 -3.39 12.08 -0.88
N MET B 249 -3.86 13.08 -0.13
CA MET B 249 -5.23 13.12 0.37
C MET B 249 -6.05 14.16 -0.40
N PHE B 250 -7.27 13.80 -0.79
CA PHE B 250 -8.14 14.65 -1.59
C PHE B 250 -9.47 14.88 -0.89
N GLY B 251 -9.97 16.11 -0.99
CA GLY B 251 -11.25 16.49 -0.41
C GLY B 251 -12.40 16.42 -1.39
N LYS B 252 -12.21 17.03 -2.56
CA LYS B 252 -13.21 16.95 -3.61
C LYS B 252 -13.22 15.55 -4.20
N LYS B 253 -14.42 15.03 -4.48
CA LYS B 253 -14.56 13.77 -5.18
C LYS B 253 -14.09 13.90 -6.63
N SER B 254 -14.27 15.07 -7.24
CA SER B 254 -13.96 15.27 -8.65
C SER B 254 -12.47 15.28 -8.95
N SER B 255 -11.61 15.33 -7.94
CA SER B 255 -10.18 15.14 -8.15
C SER B 255 -9.81 13.68 -8.30
N VAL B 256 -10.70 12.77 -7.90
CA VAL B 256 -10.43 11.35 -8.04
C VAL B 256 -10.23 10.90 -9.49
N PRO B 257 -11.10 11.29 -10.50
CA PRO B 257 -10.82 10.85 -11.88
C PRO B 257 -9.49 11.29 -12.48
N ALA B 258 -9.29 12.60 -12.59
CA ALA B 258 -8.19 13.16 -13.37
C ALA B 258 -6.82 12.88 -12.78
N VAL B 259 -6.76 12.48 -11.51
CA VAL B 259 -5.51 11.96 -10.96
C VAL B 259 -5.34 10.50 -11.28
N VAL B 260 -6.37 9.68 -10.99
CA VAL B 260 -6.24 8.24 -11.14
C VAL B 260 -6.13 7.86 -12.61
N ASP B 261 -6.82 8.60 -13.49
CA ASP B 261 -6.65 8.43 -14.93
C ASP B 261 -5.23 8.73 -15.36
N LYS B 262 -4.59 9.74 -14.75
CA LYS B 262 -3.17 9.96 -14.97
C LYS B 262 -2.36 8.80 -14.42
N LEU B 263 -2.75 8.29 -13.26
CA LEU B 263 -2.17 7.07 -12.73
C LEU B 263 -2.61 5.85 -13.53
N ARG B 264 -3.64 5.97 -14.36
CA ARG B 264 -3.97 4.93 -15.32
C ARG B 264 -3.29 5.17 -16.66
N GLU B 265 -2.30 6.06 -16.72
CA GLU B 265 -1.45 6.20 -17.90
C GLU B 265 -0.12 5.47 -17.75
N GLN B 266 0.33 5.26 -16.52
CA GLN B 266 1.69 4.80 -16.25
C GLN B 266 1.75 3.38 -15.72
N ASN B 267 0.63 2.64 -15.81
CA ASN B 267 0.52 1.23 -15.39
C ASN B 267 0.88 1.04 -13.91
N ILE B 268 0.57 2.03 -13.07
CA ILE B 268 0.82 1.92 -11.63
C ILE B 268 -0.33 1.13 -11.02
N SER B 269 -0.02 -0.05 -10.50
CA SER B 269 -1.04 -0.90 -9.92
C SER B 269 -1.07 -0.86 -8.41
N ASN B 270 0.00 -0.43 -7.77
CA ASN B 270 0.09 -0.45 -6.31
C ASN B 270 -0.33 0.91 -5.74
N TYR B 271 -1.58 1.27 -6.03
CA TYR B 271 -2.21 2.43 -5.44
C TYR B 271 -3.46 1.98 -4.70
N GLY B 272 -4.13 2.95 -4.09
CA GLY B 272 -5.28 2.62 -3.26
C GLY B 272 -6.02 3.86 -2.82
N ILE B 273 -7.34 3.76 -2.69
CA ILE B 273 -8.17 4.87 -2.26
C ILE B 273 -8.90 4.45 -0.99
N TYR B 274 -8.46 4.98 0.13
CA TYR B 274 -9.11 4.75 1.40
C TYR B 274 -10.15 5.84 1.61
N GLU B 275 -11.34 5.44 2.06
CA GLU B 275 -12.45 6.38 2.22
C GLU B 275 -12.49 6.82 3.69
N LEU B 276 -11.87 7.97 3.98
CA LEU B 276 -11.97 8.56 5.31
C LEU B 276 -13.39 9.07 5.50
N ALA B 277 -14.14 8.41 6.37
CA ALA B 277 -15.54 8.74 6.60
C ALA B 277 -15.70 9.19 8.04
N LEU B 278 -15.90 10.50 8.23
CA LEU B 278 -16.24 11.06 9.53
C LEU B 278 -17.39 12.05 9.31
N GLY B 279 -18.61 11.53 9.39
CA GLY B 279 -19.81 12.33 9.22
C GLY B 279 -19.94 12.95 7.85
N LYS B 280 -19.92 14.28 7.80
CA LYS B 280 -19.95 15.01 6.55
C LYS B 280 -18.58 15.10 5.88
N THR B 281 -17.54 14.52 6.48
CA THR B 281 -16.19 14.57 5.92
C THR B 281 -15.92 13.24 5.23
N LYS B 282 -16.00 13.24 3.90
CA LYS B 282 -15.61 12.11 3.08
C LYS B 282 -14.36 12.50 2.30
N ARG B 283 -13.21 12.03 2.76
CA ARG B 283 -11.94 12.25 2.10
C ARG B 283 -11.52 10.97 1.38
N TRP B 284 -10.70 11.14 0.36
CA TRP B 284 -10.17 10.00 -0.38
C TRP B 284 -8.65 10.05 -0.35
N ILE B 285 -8.04 9.06 0.29
CA ILE B 285 -6.58 8.94 0.31
C ILE B 285 -6.17 8.09 -0.89
N ILE B 286 -5.42 8.68 -1.80
CA ILE B 286 -4.82 7.95 -2.91
C ILE B 286 -3.36 7.74 -2.54
N CYS B 287 -3.01 6.49 -2.30
CA CYS B 287 -1.65 6.10 -1.95
C CYS B 287 -1.09 5.25 -3.09
N TRP B 288 0.03 5.67 -3.65
CA TRP B 288 0.69 4.86 -4.67
C TRP B 288 2.13 4.60 -4.26
N SER B 289 2.66 3.51 -4.78
CA SER B 289 3.98 3.04 -4.38
C SER B 289 4.65 2.43 -5.58
N PHE B 290 5.97 2.50 -5.59
CA PHE B 290 6.76 1.90 -6.65
C PHE B 290 7.37 0.57 -6.22
N GLN B 291 7.14 0.13 -4.99
CA GLN B 291 7.60 -1.15 -4.49
C GLN B 291 6.39 -2.06 -4.29
N ALA B 292 6.67 -3.35 -4.26
CA ALA B 292 5.65 -4.36 -4.53
C ALA B 292 4.73 -4.67 -3.36
N MET B 293 4.94 -3.98 -2.22
CA MET B 293 4.19 -4.36 -0.99
C MET B 293 2.71 -4.01 -1.15
N ARG B 294 1.83 -4.91 -0.72
CA ARG B 294 0.40 -4.74 -0.97
C ARG B 294 -0.37 -4.77 0.35
N PRO B 295 -1.02 -3.70 0.73
CA PRO B 295 -1.73 -3.69 2.01
C PRO B 295 -3.06 -4.43 1.98
N HIS B 296 -3.83 -4.32 3.07
CA HIS B 296 -5.08 -5.06 3.20
C HIS B 296 -6.16 -4.45 2.30
N ASN B 297 -7.31 -5.14 2.25
CA ASN B 297 -8.40 -4.70 1.40
C ASN B 297 -9.31 -3.70 2.10
N GLU B 298 -9.26 -3.64 3.43
CA GLU B 298 -9.92 -2.56 4.14
C GLU B 298 -9.21 -1.24 3.94
N LEU B 299 -7.97 -1.27 3.46
CA LEU B 299 -7.14 -0.10 3.35
C LEU B 299 -7.20 0.56 1.98
N ILE B 300 -7.54 -0.18 0.93
CA ILE B 300 -7.44 0.35 -0.43
C ILE B 300 -8.75 0.37 -1.19
N ARG B 301 -9.70 -0.56 -0.97
CA ARG B 301 -10.97 -0.62 -1.74
C ARG B 301 -12.16 -0.39 -0.81
N PRO B 302 -12.85 0.77 -0.78
CA PRO B 302 -13.94 1.07 0.16
C PRO B 302 -15.20 0.27 -0.18
N SER B 303 -16.23 0.47 0.64
CA SER B 303 -17.48 -0.24 0.50
C SER B 303 -18.45 0.43 -0.46
N SER B 304 -18.46 1.77 -0.49
CA SER B 304 -19.37 2.50 -1.36
C SER B 304 -18.92 2.41 -2.81
N THR B 305 -19.84 2.04 -3.70
CA THR B 305 -19.54 1.86 -5.11
C THR B 305 -19.59 3.15 -5.91
N SER B 306 -19.68 4.31 -5.24
CA SER B 306 -19.77 5.59 -5.93
C SER B 306 -18.51 5.92 -6.71
N LEU B 307 -17.37 5.38 -6.29
CA LEU B 307 -16.13 5.42 -7.07
C LEU B 307 -15.72 4.04 -7.53
N SER B 308 -16.69 3.23 -7.94
CA SER B 308 -16.38 1.93 -8.52
C SER B 308 -15.79 2.03 -9.91
N LYS B 309 -15.72 3.23 -10.48
CA LYS B 309 -14.94 3.52 -11.68
C LYS B 309 -13.45 3.68 -11.36
N TYR B 310 -13.10 3.98 -10.11
CA TYR B 310 -11.71 4.24 -9.78
C TYR B 310 -11.24 3.42 -8.59
N PHE B 311 -11.76 2.21 -8.43
CA PHE B 311 -11.22 1.31 -7.43
C PHE B 311 -9.87 0.77 -7.89
N PRO B 312 -8.92 0.58 -6.98
CA PRO B 312 -7.73 -0.22 -7.30
C PRO B 312 -8.04 -1.70 -7.26
N HIS B 313 -7.03 -2.53 -7.40
CA HIS B 313 -7.32 -3.94 -7.54
C HIS B 313 -7.51 -4.60 -6.18
N LYS B 314 -8.11 -5.79 -6.19
CA LYS B 314 -8.46 -6.50 -4.96
C LYS B 314 -7.28 -7.27 -4.39
N VAL B 315 -7.21 -7.31 -3.06
CA VAL B 315 -6.11 -7.97 -2.37
C VAL B 315 -6.62 -8.96 -1.31
N LEU B 316 -7.91 -9.30 -1.37
CA LEU B 316 -8.50 -10.21 -0.39
C LEU B 316 -9.72 -10.90 -0.97
N GLN B 317 -9.76 -12.21 -0.82
CA GLN B 317 -10.91 -13.00 -1.25
C GLN B 317 -11.35 -13.93 -0.13
N ASN B 318 -12.66 -14.16 -0.06
CA ASN B 318 -13.29 -14.88 1.03
C ASN B 318 -14.09 -16.04 0.49
N TRP B 319 -14.19 -17.10 1.28
CA TRP B 319 -15.12 -18.19 0.99
C TRP B 319 -15.66 -18.74 2.30
N THR B 320 -16.92 -19.14 2.30
CA THR B 320 -17.61 -19.63 3.48
C THR B 320 -17.88 -21.12 3.30
N LEU B 321 -17.79 -21.88 4.39
CA LEU B 321 -17.93 -23.34 4.36
C LEU B 321 -18.84 -23.82 5.48
N ASP B 322 -18.89 -25.13 5.65
CA ASP B 322 -19.55 -25.84 6.74
C ASP B 322 -18.51 -26.47 7.67
N PRO B 323 -18.90 -26.93 8.86
CA PRO B 323 -17.92 -27.61 9.74
C PRO B 323 -17.27 -28.87 9.18
N GLU B 324 -17.86 -29.54 8.18
CA GLU B 324 -17.16 -30.60 7.48
C GLU B 324 -15.93 -30.06 6.76
N LEU B 325 -16.13 -29.07 5.89
CA LEU B 325 -15.00 -28.46 5.22
C LEU B 325 -14.19 -27.56 6.14
N CYS B 326 -14.76 -27.13 7.28
CA CYS B 326 -13.92 -26.44 8.26
C CYS B 326 -12.98 -27.43 8.95
N ALA B 327 -13.39 -28.69 9.09
CA ALA B 327 -12.45 -29.70 9.54
C ALA B 327 -11.43 -30.03 8.45
N GLN B 328 -11.85 -29.99 7.20
CA GLN B 328 -11.00 -30.43 6.10
C GLN B 328 -10.18 -29.31 5.44
N ILE B 329 -10.28 -28.07 5.93
CA ILE B 329 -9.69 -26.93 5.22
C ILE B 329 -8.17 -26.96 5.22
N ASP B 330 -7.55 -27.47 6.29
CA ASP B 330 -6.09 -27.51 6.31
C ASP B 330 -5.54 -28.60 5.41
N ASP B 331 -6.25 -29.73 5.32
CA ASP B 331 -5.85 -30.77 4.37
C ASP B 331 -6.06 -30.31 2.94
N ILE B 332 -7.13 -29.54 2.68
CA ILE B 332 -7.37 -29.02 1.34
C ILE B 332 -6.29 -28.02 0.95
N LEU B 333 -5.90 -27.12 1.87
CA LEU B 333 -4.88 -26.12 1.55
C LEU B 333 -3.50 -26.75 1.40
N GLN B 334 -3.17 -27.73 2.24
CA GLN B 334 -1.86 -28.39 2.12
C GLN B 334 -1.79 -29.20 0.84
N LYS B 335 -2.88 -29.88 0.47
CA LYS B 335 -2.91 -30.60 -0.79
C LYS B 335 -2.85 -29.65 -1.99
N PHE B 336 -3.43 -28.45 -1.85
CA PHE B 336 -3.40 -27.47 -2.92
C PHE B 336 -1.99 -26.90 -3.11
N LEU B 337 -1.33 -26.54 -2.01
CA LEU B 337 0.00 -25.94 -2.10
C LEU B 337 1.11 -26.96 -2.21
N ASP B 338 0.81 -28.25 -2.14
CA ASP B 338 1.79 -29.28 -2.45
C ASP B 338 1.61 -29.87 -3.84
N ASP B 339 0.38 -29.97 -4.34
CA ASP B 339 0.18 -30.54 -5.66
C ASP B 339 0.39 -29.54 -6.78
N ASN B 340 0.72 -28.30 -6.47
CA ASN B 340 0.90 -27.26 -7.48
C ASN B 340 2.33 -26.73 -7.56
N LYS B 341 3.24 -27.24 -6.71
CA LYS B 341 4.63 -26.78 -6.59
C LYS B 341 4.71 -25.27 -6.31
N ILE B 342 3.84 -24.79 -5.46
CA ILE B 342 3.87 -23.43 -4.97
C ILE B 342 4.57 -23.45 -3.61
N PRO B 343 5.58 -22.59 -3.39
CA PRO B 343 6.32 -22.66 -2.13
C PRO B 343 5.49 -22.15 -0.97
N TRP B 344 5.43 -22.92 0.10
CA TRP B 344 4.56 -22.58 1.22
C TRP B 344 5.28 -22.84 2.53
N SER B 345 4.68 -22.32 3.61
CA SER B 345 5.21 -22.47 4.95
C SER B 345 4.04 -22.44 5.92
N LYS B 346 4.16 -23.17 7.01
CA LYS B 346 3.10 -23.29 8.01
C LYS B 346 3.49 -22.47 9.24
N LYS B 347 3.03 -21.23 9.30
CA LYS B 347 3.29 -20.36 10.43
C LYS B 347 2.01 -20.36 11.25
N GLY B 348 1.95 -21.26 12.23
CA GLY B 348 0.73 -21.42 13.02
C GLY B 348 -0.39 -21.98 12.17
N SER B 349 -1.55 -21.32 12.24
CA SER B 349 -2.66 -21.62 11.36
C SER B 349 -2.59 -20.85 10.05
N VAL B 350 -1.62 -19.96 9.90
CA VAL B 350 -1.44 -19.19 8.67
C VAL B 350 -0.58 -20.00 7.73
N LEU B 351 -0.98 -20.08 6.47
CA LEU B 351 -0.15 -20.72 5.46
C LEU B 351 0.40 -19.64 4.54
N GLU B 352 1.69 -19.39 4.63
CA GLU B 352 2.33 -18.33 3.87
C GLU B 352 2.91 -18.88 2.59
N ILE B 353 2.88 -18.05 1.55
CA ILE B 353 3.18 -18.46 0.17
C ILE B 353 4.14 -17.43 -0.40
N SER B 354 5.29 -17.87 -0.89
CA SER B 354 6.28 -16.99 -1.48
C SER B 354 6.72 -17.57 -2.82
N THR B 355 6.10 -17.10 -3.91
CA THR B 355 6.49 -17.52 -5.24
C THR B 355 7.10 -16.35 -6.00
N LYS B 356 7.93 -16.68 -6.98
CA LYS B 356 8.58 -15.68 -7.81
C LYS B 356 8.17 -15.80 -9.27
N SER B 357 7.29 -16.74 -9.59
CA SER B 357 6.68 -16.88 -10.90
C SER B 357 5.42 -17.70 -10.72
N ILE B 358 4.51 -17.60 -11.69
CA ILE B 358 3.23 -18.28 -11.60
C ILE B 358 3.43 -19.76 -11.90
N THR B 359 3.06 -20.62 -10.94
CA THR B 359 3.13 -22.06 -11.13
C THR B 359 1.76 -22.74 -11.01
N TRP B 360 0.70 -21.97 -11.37
CA TRP B 360 -0.72 -22.41 -11.19
C TRP B 360 -1.69 -22.00 -12.31
N SER B 361 -1.37 -22.17 -13.60
CA SER B 361 -2.31 -21.90 -14.68
C SER B 361 -2.05 -22.80 -15.88
N ARG B 362 -3.10 -22.96 -16.70
CA ARG B 362 -2.98 -23.75 -17.93
C ARG B 362 -1.84 -23.24 -18.80
N LYS B 363 -1.77 -21.93 -19.02
CA LYS B 363 -0.63 -21.38 -19.73
C LYS B 363 0.67 -21.84 -19.10
N ALA B 364 0.74 -21.88 -17.78
CA ALA B 364 1.96 -22.33 -17.11
C ALA B 364 2.19 -23.82 -17.35
N ARG B 365 1.15 -24.61 -17.32
CA ARG B 365 1.43 -26.01 -17.66
C ARG B 365 1.83 -26.07 -19.14
N ARG B 366 1.01 -25.56 -20.08
CA ARG B 366 1.37 -25.74 -21.48
C ARG B 366 2.82 -25.34 -21.74
N ILE B 367 3.35 -24.38 -20.98
CA ILE B 367 4.76 -24.02 -21.10
C ILE B 367 5.65 -25.04 -20.43
N SER B 368 5.26 -25.50 -19.23
CA SER B 368 6.05 -26.48 -18.49
C SER B 368 6.08 -27.83 -19.19
N LYS B 369 4.95 -28.24 -19.78
CA LYS B 369 4.84 -29.48 -20.54
C LYS B 369 5.30 -29.32 -21.98
N SER B 370 6.19 -28.34 -22.24
CA SER B 370 6.71 -28.08 -23.62
C SER B 370 8.22 -28.31 -23.70
N GLN B 371 8.90 -27.72 -24.70
CA GLN B 371 10.35 -28.00 -24.91
C GLN B 371 11.15 -26.72 -25.27
N THR B 372 10.47 -25.63 -25.65
CA THR B 372 11.13 -24.38 -25.98
C THR B 372 11.89 -23.83 -24.77
N SER B 373 12.67 -22.78 -25.00
CA SER B 373 13.53 -22.18 -23.99
C SER B 373 12.87 -21.04 -23.24
N VAL B 374 11.54 -20.99 -23.19
CA VAL B 374 10.85 -19.99 -22.38
C VAL B 374 11.02 -20.35 -20.91
N SER B 375 11.40 -19.35 -20.11
CA SER B 375 11.78 -19.61 -18.73
C SER B 375 10.57 -19.87 -17.85
N SER B 376 9.72 -18.86 -17.67
CA SER B 376 8.56 -18.92 -16.80
C SER B 376 7.67 -17.72 -17.08
N LEU B 377 6.42 -17.82 -16.65
CA LEU B 377 5.52 -16.67 -16.64
C LEU B 377 5.79 -15.88 -15.37
N GLU B 378 6.36 -14.69 -15.52
CA GLU B 378 7.11 -14.04 -14.46
C GLU B 378 6.28 -12.99 -13.76
N GLY B 379 6.20 -13.10 -12.44
CA GLY B 379 5.59 -12.12 -11.55
C GLY B 379 5.68 -12.64 -10.14
N GLN B 380 6.16 -11.80 -9.22
CA GLN B 380 6.43 -12.24 -7.87
C GLN B 380 5.20 -12.07 -7.01
N MET B 381 4.98 -13.01 -6.08
CA MET B 381 3.85 -12.93 -5.17
C MET B 381 4.26 -13.43 -3.80
N LYS B 382 3.84 -12.72 -2.77
CA LYS B 382 3.85 -13.25 -1.41
C LYS B 382 2.45 -13.04 -0.86
N CYS B 383 1.87 -14.08 -0.26
CA CYS B 383 0.49 -14.00 0.22
C CYS B 383 0.29 -14.97 1.37
N GLU B 384 -0.91 -14.92 1.94
CA GLU B 384 -1.25 -15.71 3.11
C GLU B 384 -2.65 -16.28 2.96
N LEU B 385 -2.83 -17.49 3.49
CA LEU B 385 -4.12 -18.13 3.60
C LEU B 385 -4.46 -18.28 5.07
N ASN B 386 -5.65 -17.83 5.46
CA ASN B 386 -6.09 -17.81 6.85
C ASN B 386 -7.48 -18.45 6.92
N VAL B 387 -7.77 -19.11 8.03
CA VAL B 387 -9.08 -19.73 8.24
C VAL B 387 -9.74 -19.05 9.42
N ILE B 388 -10.80 -18.31 9.15
CA ILE B 388 -11.56 -17.58 10.17
C ILE B 388 -13.02 -18.02 10.05
N ASP B 389 -13.47 -18.84 11.01
CA ASP B 389 -14.88 -19.14 11.27
C ASP B 389 -15.57 -19.75 10.03
N ASN B 390 -15.05 -20.90 9.60
CA ASN B 390 -15.34 -21.69 8.40
C ASN B 390 -14.88 -21.00 7.12
N GLN B 391 -14.36 -19.78 7.19
CA GLN B 391 -14.00 -18.99 6.02
C GLN B 391 -12.54 -19.20 5.68
N LEU B 392 -12.26 -19.30 4.39
CA LEU B 392 -10.90 -19.17 3.88
C LEU B 392 -10.70 -17.76 3.34
N GLN B 393 -9.62 -17.12 3.77
CA GLN B 393 -9.22 -15.81 3.29
C GLN B 393 -7.89 -15.93 2.58
N CYS B 394 -7.85 -15.42 1.35
CA CYS B 394 -6.61 -15.27 0.58
C CYS B 394 -6.25 -13.79 0.58
N LYS B 395 -5.01 -13.48 0.99
CA LYS B 395 -4.64 -12.14 1.43
C LYS B 395 -3.26 -11.80 0.86
N TRP B 396 -3.20 -10.75 0.05
CA TRP B 396 -2.06 -10.49 -0.82
C TRP B 396 -1.12 -9.49 -0.16
N ILE B 397 0.17 -9.82 -0.09
CA ILE B 397 1.14 -9.06 0.67
C ILE B 397 2.14 -8.35 -0.22
N GLU B 398 2.68 -9.05 -1.23
CA GLU B 398 3.75 -8.49 -2.06
C GLU B 398 3.55 -8.88 -3.51
N GLY B 399 3.79 -7.95 -4.41
CA GLY B 399 3.71 -8.22 -5.83
C GLY B 399 3.41 -6.98 -6.66
N TYR B 400 4.12 -6.81 -7.78
CA TYR B 400 3.86 -5.67 -8.65
C TYR B 400 2.63 -5.90 -9.53
N ASP B 401 2.51 -7.09 -10.11
CA ASP B 401 1.47 -7.40 -11.07
C ASP B 401 0.27 -7.99 -10.35
N TYR B 402 -0.91 -7.42 -10.58
CA TYR B 402 -2.14 -7.94 -10.02
C TYR B 402 -2.60 -9.23 -10.67
N ASN B 403 -2.20 -9.49 -11.92
CA ASN B 403 -2.70 -10.65 -12.65
C ASN B 403 -2.26 -11.96 -12.01
N VAL B 404 -1.11 -11.96 -11.33
CA VAL B 404 -0.66 -13.13 -10.58
C VAL B 404 -1.65 -13.44 -9.45
N TYR B 405 -2.12 -12.40 -8.75
CA TYR B 405 -3.01 -12.63 -7.62
C TYR B 405 -4.44 -12.90 -8.05
N GLU B 406 -4.87 -12.30 -9.16
CA GLU B 406 -6.17 -12.66 -9.73
C GLU B 406 -6.17 -14.13 -10.16
N SER B 407 -5.06 -14.58 -10.77
CA SER B 407 -4.95 -15.98 -11.17
C SER B 407 -4.95 -16.90 -9.98
N PHE B 408 -4.24 -16.53 -8.91
CA PHE B 408 -4.18 -17.38 -7.73
C PHE B 408 -5.50 -17.43 -6.98
N CYS B 409 -6.20 -16.31 -6.95
CA CYS B 409 -7.49 -16.26 -6.19
C CYS B 409 -8.57 -17.03 -6.96
N SER B 410 -8.54 -16.99 -8.29
CA SER B 410 -9.55 -17.75 -9.02
C SER B 410 -9.19 -19.24 -9.07
N ALA B 411 -7.90 -19.58 -9.02
CA ALA B 411 -7.50 -20.97 -8.86
C ALA B 411 -7.90 -21.52 -7.49
N LEU B 412 -7.79 -20.69 -6.45
CA LEU B 412 -8.19 -21.12 -5.12
C LEU B 412 -9.71 -21.25 -4.98
N ALA B 413 -10.45 -20.35 -5.63
CA ALA B 413 -11.90 -20.46 -5.67
C ALA B 413 -12.33 -21.73 -6.38
N ARG B 414 -11.67 -22.06 -7.48
CA ARG B 414 -12.02 -23.28 -8.19
C ARG B 414 -11.60 -24.52 -7.40
N ALA B 415 -10.54 -24.41 -6.59
CA ALA B 415 -10.15 -25.53 -5.74
C ALA B 415 -11.13 -25.73 -4.59
N LEU B 416 -11.70 -24.65 -4.05
CA LEU B 416 -12.70 -24.82 -3.01
C LEU B 416 -14.04 -25.30 -3.55
N ARG B 417 -14.39 -24.91 -4.77
CA ARG B 417 -15.64 -25.40 -5.35
C ARG B 417 -15.53 -26.87 -5.76
N ASP B 418 -14.52 -27.20 -6.57
CA ASP B 418 -14.49 -28.48 -7.27
C ASP B 418 -14.04 -29.66 -6.40
N ASN B 419 -14.01 -29.52 -5.08
CA ASN B 419 -13.80 -30.65 -4.18
C ASN B 419 -15.04 -30.96 -3.36
N LYS B 420 -16.23 -30.63 -3.88
CA LYS B 420 -17.49 -30.90 -3.19
C LYS B 420 -18.19 -32.15 -3.68
N LYS B 421 -17.96 -32.57 -4.92
CA LYS B 421 -18.59 -33.76 -5.46
C LYS B 421 -17.95 -35.03 -4.90
#